data_6D09
#
_entry.id   6D09
#
_cell.length_a   73.216
_cell.length_b   83.832
_cell.length_c   41.410
_cell.angle_alpha   90.000
_cell.angle_beta   106.250
_cell.angle_gamma   90.000
#
_symmetry.space_group_name_H-M   'C 1 2 1'
#
loop_
_entity.id
_entity.type
_entity.pdbx_description
1 polymer 'Endothelial PAS domain-containing protein 1'
2 polymer 'Aryl hydrocarbon receptor nuclear translocator'
3 non-polymer 3-{[(3R)-4-(difluoromethyl)-2,2-difluoro-3-hydroxy-1,1-dioxo-2,3-dihydro-1H-1-benzothiophen-5-yl]oxy}-5-fluorobenzonitrile
4 water water
#
loop_
_entity_poly.entity_id
_entity_poly.type
_entity_poly.pdbx_seq_one_letter_code
_entity_poly.pdbx_strand_id
1 'polypeptide(L)'
;GEFKGLDSKTFLSEHSMDMKFTYCDDRITELIGYHPEELLGRSAYEFYHALDSENMTKSHQNLCTKGQVVSGQYRMLAKH
GGYVWLETQGTVIYNPRNLQPQCIMCVNYVLSEIEKN
;
A
2 'polypeptide(L)'
;GEFKGLNVCQPTRFISRHNIEGIFTFVDHRCVATVGYQPQELLGKNIVEFCHPEDQQLLRDSFQQVVKLKGQVLSVMFRF
RSKNQEWLWMRTSSFTFQNPYSDEIEYIICTNTNVKNSSQE
;
B
#
loop_
_chem_comp.id
_chem_comp.type
_chem_comp.name
_chem_comp.formula
FOJ non-polymer 3-{[(3R)-4-(difluoromethyl)-2,2-difluoro-3-hydroxy-1,1-dioxo-2,3-dihydro-1H-1-benzothiophen-5-yl]oxy}-5-fluorobenzonitrile 'C16 H8 F5 N O4 S'
#
# COMPACT_ATOMS: atom_id res chain seq x y z
N PHE A 3 -6.86 -24.12 21.60
CA PHE A 3 -8.16 -23.63 21.08
C PHE A 3 -8.45 -22.23 21.63
N LYS A 4 -8.36 -21.20 20.79
CA LYS A 4 -8.81 -19.85 21.21
C LYS A 4 -10.34 -19.63 21.03
N GLY A 5 -11.00 -18.96 21.99
CA GLY A 5 -12.39 -18.46 21.76
C GLY A 5 -12.51 -17.64 20.46
N LEU A 6 -13.63 -17.73 19.73
CA LEU A 6 -13.80 -17.01 18.44
C LEU A 6 -13.64 -15.52 18.66
N ASP A 7 -14.14 -15.16 19.82
CA ASP A 7 -14.05 -13.88 20.39
C ASP A 7 -12.58 -13.41 20.59
N SER A 8 -11.72 -14.29 21.09
CA SER A 8 -10.32 -13.89 21.29
C SER A 8 -9.66 -13.87 19.89
N LYS A 9 -10.36 -14.27 18.86
CA LYS A 9 -9.77 -14.15 17.52
C LYS A 9 -10.39 -13.00 16.70
N THR A 10 -11.08 -12.08 17.37
CA THR A 10 -11.85 -11.07 16.64
C THR A 10 -11.35 -9.73 17.15
N PHE A 11 -11.08 -8.81 16.22
CA PHE A 11 -10.67 -7.45 16.69
C PHE A 11 -11.22 -6.44 15.72
N LEU A 12 -11.38 -5.20 16.19
CA LEU A 12 -11.83 -4.09 15.35
C LEU A 12 -10.68 -3.21 14.83
N SER A 13 -10.85 -2.69 13.65
CA SER A 13 -10.01 -1.62 13.18
C SER A 13 -10.85 -0.60 12.47
N GLU A 14 -10.31 0.60 12.39
CA GLU A 14 -11.02 1.75 11.74
C GLU A 14 -10.06 2.27 10.76
N HIS A 15 -10.58 2.72 9.64
CA HIS A 15 -9.80 3.13 8.56
C HIS A 15 -10.37 4.39 7.96
N SER A 16 -9.49 5.30 7.52
CA SER A 16 -9.95 6.43 6.63
C SER A 16 -10.38 5.94 5.26
N MET A 17 -10.92 6.84 4.43
CA MET A 17 -11.56 6.31 3.23
C MET A 17 -10.48 5.80 2.27
N ASP A 18 -9.30 6.39 2.41
CA ASP A 18 -8.09 5.91 1.70
C ASP A 18 -7.55 4.59 2.26
N MET A 19 -8.25 3.99 3.22
CA MET A 19 -7.90 2.68 3.78
C MET A 19 -6.75 2.66 4.72
N LYS A 20 -6.19 3.82 5.03
CA LYS A 20 -5.20 3.82 6.09
C LYS A 20 -5.87 3.50 7.41
N PHE A 21 -5.20 2.71 8.26
CA PHE A 21 -5.54 2.58 9.69
C PHE A 21 -5.62 3.94 10.40
N THR A 22 -6.72 4.20 11.13
CA THR A 22 -6.84 5.33 12.08
C THR A 22 -6.99 4.85 13.52
N TYR A 23 -7.28 3.56 13.68
CA TYR A 23 -7.39 2.94 14.99
C TYR A 23 -7.34 1.41 14.88
N CYS A 24 -6.70 0.72 15.83
CA CYS A 24 -6.80 -0.77 15.80
C CYS A 24 -6.89 -1.27 17.27
N ASP A 25 -7.71 -2.33 17.59
CA ASP A 25 -7.79 -2.95 18.92
C ASP A 25 -6.43 -3.53 19.22
N ASP A 26 -6.08 -3.52 20.50
CA ASP A 26 -4.77 -4.08 20.94
C ASP A 26 -4.74 -5.58 20.79
N ARG A 27 -5.90 -6.20 20.62
CA ARG A 27 -5.93 -7.65 20.43
C ARG A 27 -5.18 -8.15 19.19
N ILE A 28 -4.80 -7.23 18.30
CA ILE A 28 -4.17 -7.62 17.07
C ILE A 28 -2.74 -8.04 17.36
N THR A 29 -2.24 -7.53 18.48
CA THR A 29 -0.84 -7.87 18.88
C THR A 29 -0.67 -9.37 19.16
N GLU A 30 -1.54 -9.91 19.99
CA GLU A 30 -1.51 -11.33 20.29
C GLU A 30 -1.77 -12.22 19.10
N LEU A 31 -2.51 -11.73 18.11
CA LEU A 31 -2.86 -12.55 17.01
C LEU A 31 -1.87 -12.48 15.83
N ILE A 32 -1.43 -11.29 15.44
CA ILE A 32 -0.71 -11.06 14.22
C ILE A 32 0.66 -10.41 14.47
N GLY A 33 0.87 -9.99 15.73
CA GLY A 33 2.10 -9.32 16.17
C GLY A 33 2.18 -7.80 16.14
N TYR A 34 1.41 -7.14 15.28
CA TYR A 34 1.54 -5.71 15.26
C TYR A 34 1.12 -4.95 16.52
N HIS A 35 1.79 -3.82 16.75
CA HIS A 35 1.30 -2.87 17.75
C HIS A 35 0.41 -1.90 17.07
N PRO A 36 -0.81 -1.63 17.63
CA PRO A 36 -1.72 -0.79 16.90
C PRO A 36 -1.12 0.55 16.42
N GLU A 37 -0.29 1.19 17.25
CA GLU A 37 0.27 2.48 16.83
C GLU A 37 1.26 2.42 15.67
N GLU A 38 1.90 1.29 15.40
CA GLU A 38 2.74 1.23 14.21
C GLU A 38 1.88 1.00 12.93
N LEU A 39 0.58 0.78 13.14
CA LEU A 39 -0.31 0.57 12.05
C LEU A 39 -0.83 1.87 11.47
N LEU A 40 -1.01 2.87 12.31
CA LEU A 40 -1.71 4.12 11.93
C LEU A 40 -1.02 4.83 10.79
N GLY A 41 -1.78 5.36 9.85
CA GLY A 41 -1.21 6.03 8.68
C GLY A 41 -0.80 5.10 7.53
N ARG A 42 -0.81 3.79 7.76
CA ARG A 42 -0.58 2.81 6.63
C ARG A 42 -1.80 2.17 6.03
N SER A 43 -1.80 2.10 4.69
CA SER A 43 -2.92 1.50 4.00
C SER A 43 -2.94 -0.02 4.23
N ALA A 44 -4.16 -0.55 4.34
CA ALA A 44 -4.43 -1.98 4.34
C ALA A 44 -3.75 -2.65 3.20
N TYR A 45 -3.69 -1.99 2.06
CA TYR A 45 -3.07 -2.63 0.91
CA TYR A 45 -3.05 -2.56 0.87
C TYR A 45 -1.63 -2.99 1.19
N GLU A 46 -0.94 -2.25 2.04
CA GLU A 46 0.45 -2.66 2.34
C GLU A 46 0.54 -4.04 2.87
N PHE A 47 -0.57 -4.56 3.39
CA PHE A 47 -0.50 -5.85 4.12
C PHE A 47 -1.08 -7.12 3.43
N TYR A 48 -1.90 -6.96 2.39
CA TYR A 48 -2.56 -8.07 1.76
C TYR A 48 -1.54 -8.88 0.98
N HIS A 49 -1.68 -10.20 1.03
CA HIS A 49 -0.92 -11.10 0.14
C HIS A 49 -1.16 -10.70 -1.29
N ALA A 50 -0.11 -10.77 -2.14
CA ALA A 50 -0.28 -10.32 -3.52
C ALA A 50 -1.44 -11.03 -4.25
N LEU A 51 -1.65 -12.29 -3.94
CA LEU A 51 -2.65 -13.08 -4.60
C LEU A 51 -4.10 -12.69 -4.20
N ASP A 52 -4.26 -11.88 -3.17
CA ASP A 52 -5.62 -11.47 -2.67
C ASP A 52 -5.88 -10.08 -2.95
N SER A 53 -4.87 -9.43 -3.52
CA SER A 53 -4.93 -8.00 -3.69
C SER A 53 -6.04 -7.52 -4.63
N GLU A 54 -6.11 -8.08 -5.84
CA GLU A 54 -7.18 -7.66 -6.76
C GLU A 54 -8.57 -7.97 -6.18
N ASN A 55 -8.75 -9.15 -5.60
CA ASN A 55 -9.95 -9.47 -4.79
C ASN A 55 -10.42 -8.47 -3.69
N MET A 56 -9.48 -7.97 -2.86
CA MET A 56 -9.75 -6.95 -1.88
C MET A 56 -10.07 -5.68 -2.56
N THR A 57 -9.42 -5.39 -3.70
CA THR A 57 -9.76 -4.20 -4.41
C THR A 57 -11.27 -4.20 -4.80
N LYS A 58 -11.78 -5.37 -5.19
CA LYS A 58 -13.20 -5.54 -5.60
C LYS A 58 -14.15 -5.38 -4.41
N SER A 59 -13.73 -5.93 -3.28
CA SER A 59 -14.51 -5.84 -2.06
C SER A 59 -14.60 -4.38 -1.69
N HIS A 60 -13.49 -3.67 -1.87
CA HIS A 60 -13.50 -2.26 -1.53
C HIS A 60 -14.48 -1.54 -2.40
N GLN A 61 -14.50 -1.83 -3.70
CA GLN A 61 -15.45 -1.16 -4.62
C GLN A 61 -16.91 -1.36 -4.20
N ASN A 62 -17.31 -2.62 -3.94
CA ASN A 62 -18.59 -2.97 -3.33
C ASN A 62 -18.93 -2.22 -2.03
N LEU A 63 -17.96 -2.15 -1.10
CA LEU A 63 -18.08 -1.32 0.12
C LEU A 63 -18.37 0.18 -0.16
N CYS A 64 -17.67 0.75 -1.14
CA CYS A 64 -17.90 2.13 -1.49
C CYS A 64 -19.24 2.30 -2.21
N THR A 65 -19.69 1.27 -2.92
CA THR A 65 -20.94 1.41 -3.64
C THR A 65 -22.16 1.08 -2.77
N LYS A 66 -22.11 -0.05 -2.06
CA LYS A 66 -23.22 -0.48 -1.19
C LYS A 66 -23.20 0.03 0.27
N GLY A 67 -22.05 0.41 0.80
CA GLY A 67 -21.92 0.91 2.19
C GLY A 67 -21.52 -0.13 3.25
N GLN A 68 -21.47 -1.40 2.86
CA GLN A 68 -21.17 -2.50 3.77
C GLN A 68 -20.78 -3.69 2.93
N VAL A 69 -19.77 -4.46 3.37
CA VAL A 69 -19.27 -5.63 2.59
C VAL A 69 -18.72 -6.68 3.51
N VAL A 70 -18.81 -7.94 3.07
CA VAL A 70 -18.05 -9.02 3.69
C VAL A 70 -16.92 -9.32 2.74
N SER A 71 -15.69 -9.27 3.23
CA SER A 71 -14.52 -9.56 2.42
C SER A 71 -14.44 -11.01 1.92
N GLY A 72 -14.98 -11.99 2.62
CA GLY A 72 -14.49 -13.33 2.16
C GLY A 72 -12.95 -13.44 2.38
N GLN A 73 -12.31 -14.53 1.96
CA GLN A 73 -11.03 -14.86 2.66
C GLN A 73 -9.78 -14.25 2.08
N TYR A 74 -8.90 -13.75 2.96
CA TYR A 74 -7.67 -13.12 2.49
C TYR A 74 -6.55 -13.32 3.55
N ARG A 75 -5.29 -13.02 3.19
CA ARG A 75 -4.15 -13.20 4.07
C ARG A 75 -3.54 -11.84 4.37
N MET A 76 -3.12 -11.69 5.62
CA MET A 76 -2.34 -10.52 6.10
C MET A 76 -0.90 -10.90 6.48
N LEU A 77 0.08 -10.11 6.02
CA LEU A 77 1.49 -10.40 6.30
C LEU A 77 1.67 -10.26 7.81
N ALA A 78 2.07 -11.32 8.52
CA ALA A 78 2.25 -11.14 10.00
C ALA A 78 3.45 -10.28 10.31
N LYS A 79 3.50 -9.76 11.53
CA LYS A 79 4.55 -8.85 11.89
C LYS A 79 5.91 -9.58 11.83
N HIS A 80 5.95 -10.85 12.24
CA HIS A 80 7.22 -11.60 12.23
C HIS A 80 7.28 -12.69 11.20
N GLY A 81 6.96 -12.34 9.95
CA GLY A 81 7.00 -13.29 8.83
C GLY A 81 5.76 -14.15 8.65
N GLY A 82 5.50 -14.59 7.42
CA GLY A 82 4.33 -15.44 7.13
C GLY A 82 3.02 -14.65 7.09
N TYR A 83 1.92 -15.36 6.96
CA TYR A 83 0.62 -14.76 6.64
C TYR A 83 -0.47 -15.43 7.47
N VAL A 84 -1.42 -14.62 7.98
CA VAL A 84 -2.58 -15.06 8.79
C VAL A 84 -3.83 -14.89 7.90
N TRP A 85 -4.70 -15.90 7.84
CA TRP A 85 -5.92 -15.75 7.04
C TRP A 85 -6.97 -15.02 7.85
N LEU A 86 -7.78 -14.21 7.17
CA LEU A 86 -8.74 -13.46 7.89
C LEU A 86 -9.98 -13.37 7.07
N GLU A 87 -11.03 -12.95 7.75
CA GLU A 87 -12.21 -12.49 7.07
C GLU A 87 -12.70 -11.22 7.77
N THR A 88 -13.17 -10.23 7.03
CA THR A 88 -13.51 -8.98 7.59
C THR A 88 -14.92 -8.58 7.19
N GLN A 89 -15.70 -8.05 8.16
CA GLN A 89 -16.86 -7.28 7.79
C GLN A 89 -16.53 -5.82 7.86
N GLY A 90 -16.74 -5.10 6.75
CA GLY A 90 -16.50 -3.66 6.65
C GLY A 90 -17.80 -2.88 6.54
N THR A 91 -17.83 -1.78 7.28
CA THR A 91 -19.00 -0.87 7.27
C THR A 91 -18.61 0.59 7.11
N VAL A 92 -19.17 1.29 6.13
CA VAL A 92 -18.88 2.72 6.00
C VAL A 92 -19.79 3.48 6.92
N ILE A 93 -19.19 4.33 7.73
CA ILE A 93 -19.91 5.27 8.57
C ILE A 93 -19.92 6.61 7.83
N TYR A 94 -21.10 6.96 7.29
CA TYR A 94 -21.32 8.28 6.66
C TYR A 94 -21.91 9.29 7.67
N ASN A 95 -21.57 10.57 7.58
CA ASN A 95 -22.25 11.52 8.51
C ASN A 95 -23.49 12.31 8.05
N PRO A 96 -23.51 13.66 8.20
CA PRO A 96 -24.78 14.38 8.05
C PRO A 96 -25.36 14.38 6.61
N PRO A 101 -18.80 10.12 3.37
CA PRO A 101 -18.17 9.01 4.09
C PRO A 101 -17.24 9.57 5.13
N GLN A 102 -17.28 9.07 6.36
CA GLN A 102 -16.33 9.50 7.39
C GLN A 102 -15.21 8.53 7.70
N CYS A 103 -15.52 7.24 7.56
CA CYS A 103 -14.59 6.17 7.99
C CYS A 103 -15.14 4.77 7.74
N ILE A 104 -14.24 3.80 7.85
CA ILE A 104 -14.53 2.42 7.67
C ILE A 104 -14.25 1.69 8.95
N MET A 105 -15.29 1.02 9.45
CA MET A 105 -15.23 0.15 10.61
C MET A 105 -15.06 -1.25 10.09
N CYS A 106 -14.05 -1.94 10.63
CA CYS A 106 -13.75 -3.28 10.21
C CYS A 106 -13.81 -4.20 11.40
N VAL A 107 -14.60 -5.26 11.23
CA VAL A 107 -14.66 -6.31 12.26
C VAL A 107 -13.86 -7.47 11.69
N ASN A 108 -12.71 -7.83 12.31
CA ASN A 108 -11.77 -8.73 11.62
C ASN A 108 -11.71 -10.05 12.38
N TYR A 109 -11.87 -11.19 11.71
CA TYR A 109 -11.86 -12.52 12.38
CA TYR A 109 -11.80 -12.43 12.42
C TYR A 109 -10.71 -13.31 11.83
N VAL A 110 -9.88 -13.83 12.70
CA VAL A 110 -8.70 -14.53 12.25
C VAL A 110 -9.15 -15.97 12.09
N LEU A 111 -9.07 -16.43 10.84
CA LEU A 111 -9.41 -17.78 10.42
C LEU A 111 -8.38 -18.78 10.85
N SER A 112 -7.12 -18.48 10.58
CA SER A 112 -6.11 -19.50 10.68
C SER A 112 -5.64 -19.52 12.09
N GLU A 113 -6.28 -20.37 12.90
CA GLU A 113 -5.72 -20.68 14.23
C GLU A 113 -4.75 -21.85 14.14
N CYS B 9 17.49 -2.78 -27.76
CA CYS B 9 16.06 -2.70 -27.35
C CYS B 9 15.89 -1.72 -26.22
N GLN B 10 14.83 -0.92 -26.32
CA GLN B 10 14.48 0.14 -25.36
C GLN B 10 14.06 -0.47 -24.02
N PRO B 11 14.71 -0.07 -22.91
CA PRO B 11 14.15 -0.58 -21.65
C PRO B 11 12.72 -0.06 -21.42
N THR B 12 11.89 -0.84 -20.73
CA THR B 12 10.57 -0.31 -20.45
C THR B 12 10.65 0.55 -19.19
N ARG B 13 10.17 1.78 -19.31
CA ARG B 13 10.23 2.75 -18.22
C ARG B 13 9.07 3.73 -18.26
N PHE B 14 8.74 4.28 -17.09
CA PHE B 14 7.72 5.30 -17.01
C PHE B 14 8.09 6.29 -15.90
N ILE B 15 7.64 7.52 -16.10
CA ILE B 15 7.93 8.60 -15.13
C ILE B 15 6.77 8.67 -14.14
N SER B 16 7.06 8.89 -12.88
CA SER B 16 5.99 9.25 -11.90
C SER B 16 6.46 10.42 -10.98
N ARG B 17 5.49 11.11 -10.38
CA ARG B 17 5.77 12.10 -9.33
C ARG B 17 5.00 11.65 -8.11
N HIS B 18 5.58 11.88 -6.94
CA HIS B 18 5.06 11.52 -5.66
C HIS B 18 5.28 12.61 -4.64
N ASN B 19 4.38 12.65 -3.64
CA ASN B 19 4.56 13.53 -2.52
C ASN B 19 5.65 12.86 -1.71
N ILE B 20 6.08 13.55 -0.67
CA ILE B 20 7.20 13.01 0.09
C ILE B 20 6.83 11.74 0.88
N GLU B 21 5.54 11.45 1.00
CA GLU B 21 5.05 10.23 1.67
C GLU B 21 5.09 9.00 0.77
N GLY B 22 5.03 9.21 -0.55
CA GLY B 22 5.17 8.13 -1.49
C GLY B 22 3.97 8.02 -2.40
N ILE B 23 2.94 8.85 -2.15
CA ILE B 23 1.59 8.76 -2.84
C ILE B 23 1.88 9.21 -4.27
N PHE B 24 1.49 8.43 -5.28
CA PHE B 24 1.64 8.88 -6.66
C PHE B 24 0.77 10.09 -6.91
N THR B 25 1.35 11.15 -7.44
CA THR B 25 0.60 12.38 -7.74
C THR B 25 0.58 12.63 -9.25
N PHE B 26 1.47 11.97 -10.01
CA PHE B 26 1.45 12.02 -11.45
C PHE B 26 1.94 10.68 -12.02
N VAL B 27 1.27 10.13 -13.03
CA VAL B 27 1.75 8.87 -13.66
C VAL B 27 1.78 8.97 -15.18
N ASP B 28 2.99 8.87 -15.76
CA ASP B 28 3.21 8.79 -17.22
C ASP B 28 2.59 7.46 -17.78
N HIS B 29 1.79 7.55 -18.84
CA HIS B 29 1.02 6.43 -19.44
C HIS B 29 1.87 5.28 -19.97
N ARG B 30 3.17 5.51 -20.15
CA ARG B 30 4.08 4.36 -20.38
C ARG B 30 4.03 3.26 -19.29
N CYS B 31 3.43 3.59 -18.15
CA CYS B 31 3.18 2.59 -17.10
C CYS B 31 2.36 1.40 -17.58
N VAL B 32 1.47 1.59 -18.56
CA VAL B 32 0.62 0.44 -19.02
C VAL B 32 1.46 -0.76 -19.48
N ALA B 33 2.43 -0.47 -20.34
CA ALA B 33 3.29 -1.46 -20.94
C ALA B 33 4.42 -1.86 -19.97
N THR B 34 4.73 -0.98 -19.02
CA THR B 34 5.76 -1.31 -18.04
C THR B 34 5.24 -2.24 -16.90
N VAL B 35 4.09 -1.91 -16.28
CA VAL B 35 3.64 -2.63 -15.11
C VAL B 35 2.17 -3.01 -15.27
N GLY B 36 1.61 -2.58 -16.38
CA GLY B 36 0.26 -3.01 -16.72
C GLY B 36 -0.98 -2.29 -16.20
N TYR B 37 -0.82 -1.41 -15.22
CA TYR B 37 -1.91 -0.61 -14.72
C TYR B 37 -2.14 0.67 -15.56
N GLN B 38 -3.38 1.15 -15.56
CA GLN B 38 -3.67 2.51 -16.08
C GLN B 38 -3.12 3.51 -15.08
N PRO B 39 -2.72 4.73 -15.54
CA PRO B 39 -2.36 5.80 -14.59
C PRO B 39 -3.28 5.96 -13.36
N GLN B 40 -4.60 5.87 -13.56
CA GLN B 40 -5.54 6.16 -12.47
C GLN B 40 -5.74 4.97 -11.51
N GLU B 41 -5.20 3.81 -11.87
CA GLU B 41 -5.07 2.73 -10.91
C GLU B 41 -3.89 2.97 -9.98
N LEU B 42 -2.97 3.82 -10.41
CA LEU B 42 -1.81 4.15 -9.56
C LEU B 42 -2.00 5.50 -8.76
N LEU B 43 -2.64 6.49 -9.37
CA LEU B 43 -2.74 7.85 -8.77
C LEU B 43 -3.39 7.87 -7.39
N GLY B 44 -2.76 8.54 -6.43
CA GLY B 44 -3.34 8.66 -5.11
C GLY B 44 -3.11 7.43 -4.26
N LYS B 45 -2.42 6.42 -4.77
CA LYS B 45 -2.02 5.33 -3.92
C LYS B 45 -0.58 5.46 -3.66
N ASN B 46 -0.17 4.92 -2.54
CA ASN B 46 1.24 4.98 -2.17
C ASN B 46 2.02 3.90 -2.94
N ILE B 47 3.29 4.18 -3.25
CA ILE B 47 4.08 3.28 -4.13
C ILE B 47 4.39 2.02 -3.36
N VAL B 48 4.49 2.16 -2.02
CA VAL B 48 4.68 1.02 -1.11
C VAL B 48 3.56 -0.03 -1.13
N GLU B 49 2.33 0.38 -1.51
CA GLU B 49 1.24 -0.57 -1.76
C GLU B 49 1.45 -1.57 -2.93
N PHE B 50 2.51 -1.37 -3.73
CA PHE B 50 2.70 -2.20 -4.91
C PHE B 50 3.99 -2.89 -4.70
N CYS B 51 4.61 -2.54 -3.62
CA CYS B 51 5.93 -3.11 -3.27
C CYS B 51 5.92 -4.43 -2.47
N HIS B 52 6.94 -5.28 -2.73
CA HIS B 52 7.06 -6.63 -2.12
C HIS B 52 7.32 -6.37 -0.66
N PRO B 53 6.67 -7.16 0.27
CA PRO B 53 6.83 -6.92 1.71
C PRO B 53 8.28 -6.79 2.11
N GLU B 54 9.17 -7.58 1.52
CA GLU B 54 10.59 -7.54 1.95
C GLU B 54 11.26 -6.25 1.51
N ASP B 55 10.67 -5.55 0.53
CA ASP B 55 11.27 -4.30 -0.04
C ASP B 55 10.64 -2.98 0.44
N GLN B 56 9.54 -3.11 1.21
CA GLN B 56 8.68 -1.94 1.59
C GLN B 56 9.40 -0.97 2.42
N GLN B 57 10.13 -1.47 3.40
CA GLN B 57 10.83 -0.55 4.30
C GLN B 57 12.04 0.15 3.59
N LEU B 58 12.78 -0.62 2.78
CA LEU B 58 13.80 0.03 1.93
C LEU B 58 13.27 1.16 1.15
N LEU B 59 12.11 0.95 0.53
CA LEU B 59 11.55 1.96 -0.32
C LEU B 59 11.03 3.19 0.50
N ARG B 60 10.43 2.92 1.67
CA ARG B 60 10.04 4.03 2.52
C ARG B 60 11.30 4.75 2.97
N ASP B 61 12.40 4.04 3.36
CA ASP B 61 13.56 4.84 3.78
C ASP B 61 14.17 5.59 2.56
N SER B 62 13.92 5.10 1.36
CA SER B 62 14.45 5.77 0.16
C SER B 62 13.73 7.08 -0.11
N PHE B 63 12.40 7.05 -0.04
CA PHE B 63 11.72 8.31 -0.08
C PHE B 63 12.12 9.28 1.01
N GLN B 64 12.38 8.79 2.21
CA GLN B 64 12.76 9.68 3.32
C GLN B 64 14.09 10.33 3.02
N GLN B 65 15.03 9.57 2.50
CA GLN B 65 16.34 10.16 2.22
C GLN B 65 16.51 11.00 0.98
N VAL B 66 15.76 10.70 -0.08
CA VAL B 66 15.92 11.47 -1.30
C VAL B 66 15.71 12.97 -0.99
N VAL B 67 14.85 13.32 -0.03
CA VAL B 67 14.67 14.76 0.25
C VAL B 67 15.80 15.37 1.05
N LYS B 68 16.72 14.56 1.54
CA LYS B 68 17.85 15.13 2.25
C LYS B 68 19.04 15.31 1.36
N LEU B 69 18.91 14.94 0.10
CA LEU B 69 20.12 14.77 -0.70
C LEU B 69 20.36 15.90 -1.68
N LYS B 70 19.74 17.04 -1.39
CA LYS B 70 20.06 18.27 -2.14
C LYS B 70 19.71 18.14 -3.64
N GLY B 71 18.60 17.48 -3.93
CA GLY B 71 18.23 17.22 -5.32
C GLY B 71 19.06 16.28 -6.19
N GLN B 72 20.10 15.58 -5.64
CA GLN B 72 20.89 14.53 -6.36
C GLN B 72 20.07 13.21 -6.51
N VAL B 73 20.51 12.31 -7.38
CA VAL B 73 19.76 11.11 -7.75
C VAL B 73 19.93 10.06 -6.66
N LEU B 74 18.81 9.51 -6.18
CA LEU B 74 18.82 8.34 -5.35
C LEU B 74 18.19 7.22 -6.14
N SER B 75 18.91 6.11 -6.17
CA SER B 75 18.40 4.97 -6.85
C SER B 75 17.99 3.87 -5.89
N VAL B 76 16.96 3.12 -6.23
CA VAL B 76 16.49 1.97 -5.44
C VAL B 76 16.03 0.79 -6.32
N MET B 77 16.35 -0.45 -5.93
CA MET B 77 15.76 -1.63 -6.58
C MET B 77 14.67 -2.35 -5.78
N PHE B 78 13.50 -2.65 -6.35
CA PHE B 78 12.49 -3.36 -5.55
C PHE B 78 11.55 -4.11 -6.48
N ARG B 79 10.81 -5.03 -5.92
CA ARG B 79 9.79 -5.78 -6.63
C ARG B 79 8.51 -5.11 -6.53
N PHE B 80 7.92 -4.94 -7.71
CA PHE B 80 6.67 -4.31 -7.94
C PHE B 80 5.63 -5.29 -8.52
N ARG B 81 4.40 -5.24 -8.02
CA ARG B 81 3.41 -6.26 -8.32
C ARG B 81 2.71 -5.72 -9.54
N SER B 82 2.95 -6.33 -10.72
CA SER B 82 2.25 -5.92 -11.96
C SER B 82 0.76 -6.16 -11.86
N LYS B 83 0.04 -5.65 -12.85
CA LYS B 83 -1.35 -5.97 -12.95
C LYS B 83 -1.61 -7.49 -13.16
N ASN B 84 -0.61 -8.29 -13.50
CA ASN B 84 -0.77 -9.77 -13.39
C ASN B 84 -0.56 -10.45 -11.97
N GLN B 85 -0.35 -9.63 -10.94
CA GLN B 85 -0.05 -10.10 -9.54
C GLN B 85 1.40 -10.74 -9.41
N GLU B 86 2.14 -10.66 -10.55
CA GLU B 86 3.61 -10.98 -10.70
C GLU B 86 4.70 -9.99 -10.20
N TRP B 87 5.78 -10.45 -9.54
CA TRP B 87 6.74 -9.48 -9.03
C TRP B 87 7.71 -9.09 -10.10
N LEU B 88 7.76 -7.81 -10.46
CA LEU B 88 8.75 -7.38 -11.48
C LEU B 88 9.86 -6.60 -10.75
N TRP B 89 11.08 -6.86 -11.13
CA TRP B 89 12.16 -6.08 -10.60
C TRP B 89 12.18 -4.67 -11.24
N MET B 90 11.98 -3.62 -10.41
CA MET B 90 12.10 -2.19 -10.80
C MET B 90 13.35 -1.51 -10.28
N ARG B 91 14.00 -0.70 -11.12
CA ARG B 91 14.95 0.26 -10.63
C ARG B 91 14.26 1.63 -10.75
N THR B 92 14.08 2.30 -9.62
CA THR B 92 13.43 3.65 -9.61
C THR B 92 14.58 4.56 -9.28
N SER B 93 14.85 5.53 -10.17
CA SER B 93 15.79 6.58 -9.91
C SER B 93 15.02 7.86 -9.64
N SER B 94 15.38 8.49 -8.55
CA SER B 94 14.59 9.59 -8.10
C SER B 94 15.40 10.77 -7.59
N PHE B 95 14.74 11.93 -7.61
CA PHE B 95 15.35 13.19 -7.17
C PHE B 95 14.24 14.22 -6.82
N THR B 96 14.56 15.17 -5.93
CA THR B 96 13.60 16.19 -5.53
C THR B 96 13.64 17.39 -6.49
N PHE B 97 12.56 18.14 -6.52
CA PHE B 97 12.61 19.35 -7.26
C PHE B 97 11.77 20.29 -6.47
N GLN B 98 12.23 21.53 -6.45
CA GLN B 98 11.64 22.58 -5.68
C GLN B 98 11.97 23.84 -6.45
N ASN B 99 10.95 24.52 -6.92
CA ASN B 99 11.14 25.68 -7.72
C ASN B 99 11.70 26.81 -6.83
N PRO B 100 12.89 27.31 -7.18
CA PRO B 100 13.53 28.20 -6.25
C PRO B 100 12.99 29.64 -6.25
N TYR B 101 12.10 30.01 -7.19
CA TYR B 101 11.23 31.20 -7.01
C TYR B 101 10.19 31.03 -5.91
N SER B 102 10.09 29.82 -5.33
CA SER B 102 9.08 29.57 -4.31
C SER B 102 9.64 28.87 -3.10
N ASP B 103 8.77 28.75 -2.10
CA ASP B 103 9.06 27.94 -0.92
C ASP B 103 7.97 26.86 -0.75
N GLU B 104 7.41 26.38 -1.85
CA GLU B 104 6.50 25.25 -1.80
C GLU B 104 7.23 23.95 -1.43
N ILE B 105 6.47 23.03 -0.85
CA ILE B 105 7.06 21.75 -0.37
C ILE B 105 7.68 21.04 -1.58
N GLU B 106 8.93 20.58 -1.48
CA GLU B 106 9.44 19.84 -2.59
C GLU B 106 8.57 18.59 -2.88
N TYR B 107 8.74 18.10 -4.08
CA TYR B 107 8.28 16.78 -4.42
C TYR B 107 9.31 15.93 -5.20
N ILE B 108 8.86 14.74 -5.51
CA ILE B 108 9.82 13.72 -5.89
C ILE B 108 9.51 13.26 -7.30
N ILE B 109 10.48 13.32 -8.18
CA ILE B 109 10.32 12.90 -9.61
C ILE B 109 10.96 11.53 -9.72
N CYS B 110 10.27 10.54 -10.26
CA CYS B 110 10.88 9.21 -10.44
C CYS B 110 10.87 8.75 -11.87
N THR B 111 11.95 8.09 -12.26
CA THR B 111 11.84 7.26 -13.44
C THR B 111 11.88 5.80 -13.03
N ASN B 112 11.00 5.00 -13.61
CA ASN B 112 10.80 3.61 -13.12
C ASN B 112 11.04 2.60 -14.23
N THR B 113 12.11 1.81 -14.12
CA THR B 113 12.49 0.88 -15.21
C THR B 113 12.49 -0.59 -14.77
N ASN B 114 11.85 -1.47 -15.55
CA ASN B 114 11.91 -2.96 -15.35
C ASN B 114 13.28 -3.47 -15.66
N VAL B 115 14.00 -3.92 -14.64
CA VAL B 115 15.41 -4.33 -14.86
C VAL B 115 15.60 -5.86 -14.52
N LYS B 116 16.77 -6.44 -14.82
CA LYS B 116 17.03 -7.81 -14.47
C LYS B 116 17.70 -7.83 -13.10
N ASN B 117 17.26 -8.69 -12.19
CA ASN B 117 18.13 -8.94 -11.06
C ASN B 117 18.90 -10.24 -11.28
N SER B 118 20.16 -10.08 -11.69
CA SER B 118 21.05 -11.19 -12.04
C SER B 118 22.48 -10.69 -12.21
N1 FOJ C . -4.23 -7.23 5.80
C16 FOJ C . -5.07 -6.63 6.33
C11 FOJ C . -5.98 -5.99 7.00
C12 FOJ C . -6.83 -5.10 6.34
C13 FOJ C . -7.80 -4.46 7.07
C14 FOJ C . -7.97 -4.65 8.41
C15 FOJ C . -7.12 -5.52 9.08
F5 FOJ C . -7.27 -5.69 10.39
C10 FOJ C . -6.13 -6.21 8.38
O4 FOJ C . -8.60 -3.58 6.38
C2 FOJ C . -9.58 -4.07 5.58
C3 FOJ C . -9.81 -5.45 5.40
C4 FOJ C . -10.86 -5.91 4.53
C8 FOJ C . -11.59 -4.94 3.85
S1 FOJ C . -12.83 -5.11 2.76
O1 FOJ C . -13.56 -6.17 3.27
O2 FOJ C . -12.22 -5.15 1.49
C5 FOJ C . -13.45 -3.58 2.90
F2 FOJ C . -14.06 -3.09 1.79
F1 FOJ C . -14.30 -3.57 3.88
C7 FOJ C . -11.33 -3.60 4.06
C6 FOJ C . -12.24 -2.70 3.27
O3 FOJ C . -11.58 -2.18 2.10
C1 FOJ C . -10.36 -3.12 4.91
C9 FOJ C . -10.22 -1.60 4.92
F3 FOJ C . -11.22 -0.75 5.34
F4 FOJ C . -8.97 -1.05 4.84
#